data_6XCB
#
_entry.id   6XCB
#
_cell.length_a   47.893
_cell.length_b   67.297
_cell.length_c   63.729
_cell.angle_alpha   90.000
_cell.angle_beta   97.392
_cell.angle_gamma   90.000
#
_symmetry.space_group_name_H-M   'P 1 21 1'
#
loop_
_entity.id
_entity.type
_entity.pdbx_description
1 polymer 'Botulinum neurotoxin type A'
2 non-polymer 'ZINC ION'
3 non-polymer N-hydroxy-6-sulfanylhexanamide
4 water water
#
_entity_poly.entity_id   1
_entity_poly.type   'polypeptide(L)'
_entity_poly.pdbx_seq_one_letter_code
;HHHHHHSSGLVPRGSHMQFVNKQFNYKDPVNGVDIAYIKIPNVGQMQPVKAFKIHNKIWVIPERDTFTNPEEGDLNPPPE
AKQVPVSYYDSTYLSTDNEKDNYLKGVTKLFERIYSTDLGRMLLTSIVRGIPFWGGSTIDTELKVIDTNCINVIQPDGSY
RSEELNLVIIGPSADIIQFECKSFGHEVLNLTRNGYGSTQYIRFSPDFTFGFEESLEVDTNPLLGAGKFATDPAVTLAHE
LIHAGHRLYGIAINPNRVFKVNTNAYYEMSGLEVSFEELRTFGGHDAKFIDSLQENEFRLYYYNKFKDIASTLNKAKSIV
GTTASLQYMKNVFKEKYLLSEDTSGKFSVDKLKFDKLYKMLTEIYTEDNFVKFFKVLNRKTYLNFDKAVFKINIVPKVNY
TIYDGFNLRNTNLAANFNGQNTEINNMNFTKLKNFTGLFE
;
_entity_poly.pdbx_strand_id   A
#
loop_
_chem_comp.id
_chem_comp.type
_chem_comp.name
_chem_comp.formula
UZY non-polymer N-hydroxy-6-sulfanylhexanamide 'C6 H13 N O2 S'
ZN non-polymer 'ZINC ION' 'Zn 2'
#
# COMPACT_ATOMS: atom_id res chain seq x y z
N GLN A 18 -17.80 10.18 2.01
CA GLN A 18 -17.54 8.94 2.74
C GLN A 18 -17.03 7.87 1.80
N PHE A 19 -15.84 7.33 2.09
CA PHE A 19 -15.15 6.43 1.16
C PHE A 19 -15.77 5.05 1.16
N VAL A 20 -16.13 4.56 2.32
CA VAL A 20 -16.74 3.24 2.49
C VAL A 20 -18.17 3.51 2.92
N ASN A 21 -19.12 3.32 2.03
CA ASN A 21 -20.46 3.77 2.41
C ASN A 21 -21.28 2.69 3.09
N LYS A 22 -20.76 1.48 3.25
CA LYS A 22 -21.43 0.43 4.01
C LYS A 22 -20.58 0.10 5.24
N GLN A 23 -21.23 -0.08 6.38
CA GLN A 23 -20.55 -0.49 7.61
C GLN A 23 -20.58 -2.01 7.72
N PHE A 24 -19.60 -2.67 7.10
CA PHE A 24 -19.59 -4.13 7.02
C PHE A 24 -19.35 -4.76 8.37
N ASN A 25 -20.04 -5.88 8.63
CA ASN A 25 -19.66 -6.81 9.70
C ASN A 25 -19.16 -8.10 9.07
N TYR A 26 -18.17 -8.74 9.72
CA TYR A 26 -17.60 -9.94 9.13
C TYR A 26 -18.66 -11.01 8.92
N LYS A 27 -19.65 -11.10 9.82
CA LYS A 27 -20.67 -12.14 9.72
C LYS A 27 -21.81 -11.76 8.78
N ASP A 28 -21.77 -10.60 8.15
CA ASP A 28 -22.82 -10.23 7.20
C ASP A 28 -22.93 -11.30 6.13
N PRO A 29 -24.14 -11.62 5.64
CA PRO A 29 -24.28 -12.73 4.70
C PRO A 29 -23.69 -12.40 3.35
N VAL A 30 -23.14 -13.43 2.68
CA VAL A 30 -22.64 -13.21 1.32
C VAL A 30 -23.77 -12.82 0.37
N ASN A 31 -23.47 -11.91 -0.56
CA ASN A 31 -24.44 -11.49 -1.57
C ASN A 31 -23.91 -11.59 -3.00
N GLY A 32 -22.67 -12.07 -3.19
CA GLY A 32 -22.06 -12.26 -4.49
C GLY A 32 -21.67 -10.98 -5.21
N VAL A 33 -21.86 -9.83 -4.58
CA VAL A 33 -21.57 -8.55 -5.21
C VAL A 33 -20.46 -7.86 -4.46
N ASP A 34 -20.72 -7.40 -3.22
CA ASP A 34 -19.66 -6.80 -2.43
C ASP A 34 -19.34 -7.57 -1.15
N ILE A 35 -20.03 -8.66 -0.87
CA ILE A 35 -19.60 -9.61 0.15
C ILE A 35 -19.61 -10.95 -0.53
N ALA A 36 -18.46 -11.59 -0.66
CA ALA A 36 -18.42 -12.79 -1.49
C ALA A 36 -17.26 -13.69 -1.11
N TYR A 37 -17.38 -14.97 -1.49
CA TYR A 37 -16.24 -15.88 -1.46
C TYR A 37 -15.52 -15.76 -2.79
N ILE A 38 -14.18 -15.59 -2.75
CA ILE A 38 -13.44 -15.27 -3.96
C ILE A 38 -12.21 -16.19 -4.07
N LYS A 39 -11.70 -16.32 -5.29
CA LYS A 39 -10.41 -16.96 -5.53
C LYS A 39 -9.56 -16.08 -6.45
N ILE A 40 -8.24 -16.24 -6.36
CA ILE A 40 -7.32 -15.53 -7.24
C ILE A 40 -7.05 -16.36 -8.49
N PRO A 41 -7.18 -15.80 -9.70
CA PRO A 41 -6.92 -16.60 -10.91
C PRO A 41 -5.52 -17.20 -10.88
N ASN A 42 -5.36 -18.28 -11.65
CA ASN A 42 -4.39 -19.30 -11.32
C ASN A 42 -4.57 -19.55 -9.81
N VAL A 43 -3.52 -19.58 -9.01
CA VAL A 43 -3.56 -20.09 -7.64
C VAL A 43 -4.70 -21.08 -7.57
N GLN A 45 -4.79 -25.75 -4.70
CA GLN A 45 -4.01 -24.82 -3.89
C GLN A 45 -4.88 -23.87 -3.00
N MET A 46 -5.59 -22.84 -3.47
CA MET A 46 -6.31 -21.98 -2.53
C MET A 46 -7.80 -22.30 -2.51
N GLN A 47 -8.36 -22.31 -1.33
CA GLN A 47 -9.79 -22.41 -1.14
C GLN A 47 -10.40 -21.03 -1.15
N PRO A 48 -11.68 -20.91 -1.47
CA PRO A 48 -12.30 -19.58 -1.50
C PRO A 48 -12.29 -18.95 -0.11
N VAL A 49 -12.06 -17.64 -0.09
CA VAL A 49 -11.99 -16.85 1.15
C VAL A 49 -13.06 -15.77 1.11
N LYS A 50 -13.63 -15.48 2.27
CA LYS A 50 -14.64 -14.42 2.34
C LYS A 50 -13.98 -13.07 2.23
N ALA A 51 -14.49 -12.25 1.30
CA ALA A 51 -13.91 -10.95 0.96
C ALA A 51 -15.00 -9.87 0.87
N PHE A 52 -14.58 -8.60 1.00
CA PHE A 52 -15.49 -7.48 1.12
C PHE A 52 -15.03 -6.37 0.19
N LYS A 53 -15.92 -5.92 -0.70
CA LYS A 53 -15.61 -4.81 -1.60
C LYS A 53 -16.01 -3.53 -0.89
N ILE A 54 -15.01 -2.74 -0.46
CA ILE A 54 -15.30 -1.58 0.39
C ILE A 54 -15.44 -0.32 -0.45
N HIS A 55 -14.96 -0.35 -1.69
CA HIS A 55 -15.06 0.76 -2.63
C HIS A 55 -14.85 0.20 -4.03
N ASN A 56 -15.33 0.92 -5.06
CA ASN A 56 -14.97 0.56 -6.44
C ASN A 56 -13.49 0.21 -6.52
N LYS A 57 -13.20 -0.98 -7.09
CA LYS A 57 -11.84 -1.47 -7.37
C LYS A 57 -11.05 -1.90 -6.12
N ILE A 58 -11.60 -1.82 -4.90
CA ILE A 58 -10.83 -2.06 -3.67
C ILE A 58 -11.53 -3.09 -2.77
N TRP A 59 -10.81 -4.16 -2.41
CA TRP A 59 -11.36 -5.25 -1.60
C TRP A 59 -10.50 -5.47 -0.38
N VAL A 60 -11.11 -6.10 0.64
CA VAL A 60 -10.42 -6.44 1.89
C VAL A 60 -10.67 -7.92 2.16
N ILE A 61 -9.61 -8.68 2.43
CA ILE A 61 -9.73 -10.10 2.77
C ILE A 61 -9.21 -10.25 4.20
N PRO A 62 -10.07 -10.46 5.21
CA PRO A 62 -9.61 -10.47 6.62
C PRO A 62 -9.03 -11.83 7.01
N GLU A 63 -8.00 -12.24 6.30
CA GLU A 63 -7.38 -13.54 6.48
C GLU A 63 -5.90 -13.36 6.44
N ARG A 64 -5.18 -14.21 7.18
CA ARG A 64 -3.73 -14.22 7.05
C ARG A 64 -3.38 -14.67 5.64
N ASP A 65 -2.35 -14.07 5.05
CA ASP A 65 -2.03 -14.39 3.66
C ASP A 65 -1.25 -15.69 3.59
N THR A 66 -1.97 -16.79 3.31
CA THR A 66 -1.33 -18.05 2.92
C THR A 66 -1.50 -18.35 1.43
N PHE A 67 -1.92 -17.38 0.61
CA PHE A 67 -2.38 -17.64 -0.75
C PHE A 67 -1.50 -17.07 -1.86
N THR A 68 -1.02 -15.84 -1.71
CA THR A 68 -0.43 -15.16 -2.86
C THR A 68 0.93 -15.74 -3.24
N ASN A 69 1.69 -16.23 -2.27
CA ASN A 69 3.02 -16.77 -2.52
C ASN A 69 3.02 -18.27 -2.25
N PRO A 70 3.32 -19.12 -3.23
CA PRO A 70 3.43 -20.56 -2.91
C PRO A 70 4.53 -20.85 -1.91
N GLU A 71 5.56 -20.01 -1.86
CA GLU A 71 6.62 -20.22 -0.88
C GLU A 71 6.12 -20.04 0.53
N GLU A 72 5.03 -19.30 0.73
CA GLU A 72 4.52 -18.95 2.04
C GLU A 72 3.12 -19.52 2.20
N GLY A 73 3.04 -20.74 2.75
CA GLY A 73 1.77 -21.33 3.13
C GLY A 73 1.60 -21.45 4.63
N ASP A 74 2.68 -21.67 5.34
CA ASP A 74 2.68 -21.84 6.78
C ASP A 74 2.70 -20.47 7.48
N LEU A 75 2.16 -20.43 8.70
CA LEU A 75 2.29 -19.26 9.58
C LEU A 75 3.25 -19.46 10.74
N ASN A 76 3.92 -20.57 10.81
CA ASN A 76 4.86 -20.69 11.91
C ASN A 76 6.21 -20.08 11.51
N PRO A 77 7.02 -19.69 12.49
CA PRO A 77 8.26 -19.01 12.15
C PRO A 77 9.15 -19.91 11.30
N PRO A 78 9.95 -19.33 10.41
CA PRO A 78 11.03 -20.10 9.79
C PRO A 78 12.09 -20.40 10.82
N PRO A 79 13.12 -21.18 10.46
CA PRO A 79 14.30 -21.31 11.36
C PRO A 79 14.82 -19.95 11.82
N GLU A 80 15.22 -19.87 13.10
CA GLU A 80 15.62 -18.59 13.67
C GLU A 80 16.81 -17.97 12.94
N ALA A 81 17.69 -18.82 12.40
CA ALA A 81 18.77 -18.27 11.61
C ALA A 81 18.25 -17.52 10.38
N LYS A 82 17.05 -17.87 9.93
CA LYS A 82 16.41 -17.25 8.76
C LYS A 82 15.80 -15.89 9.08
N GLN A 83 15.55 -15.55 10.35
CA GLN A 83 14.72 -14.40 10.69
C GLN A 83 15.51 -13.10 10.78
N VAL A 84 14.91 -12.02 10.30
CA VAL A 84 15.48 -10.69 10.48
C VAL A 84 15.25 -10.27 11.93
N PRO A 85 16.03 -9.31 12.44
CA PRO A 85 15.76 -8.83 13.81
C PRO A 85 14.38 -8.21 13.99
N VAL A 86 13.97 -7.32 13.10
CA VAL A 86 12.68 -6.64 13.25
C VAL A 86 11.68 -7.55 12.56
N SER A 87 11.27 -8.60 13.29
CA SER A 87 10.24 -9.52 12.83
C SER A 87 9.39 -9.89 14.04
N TYR A 88 8.17 -10.35 13.80
CA TYR A 88 7.29 -10.69 14.92
C TYR A 88 6.31 -11.76 14.46
N TYR A 89 6.33 -12.91 15.12
CA TYR A 89 5.49 -14.01 14.67
C TYR A 89 4.43 -14.31 15.72
N ASP A 90 3.20 -14.62 15.26
CA ASP A 90 2.15 -15.09 16.18
C ASP A 90 1.15 -15.82 15.29
N SER A 91 1.25 -17.14 15.26
CA SER A 91 0.43 -17.93 14.33
C SER A 91 -1.05 -17.87 14.67
N THR A 92 -1.42 -17.40 15.86
CA THR A 92 -2.82 -17.32 16.25
C THR A 92 -3.51 -16.04 15.85
N TYR A 93 -2.77 -15.02 15.44
CA TYR A 93 -3.42 -13.75 15.15
C TYR A 93 -4.33 -13.88 13.93
N LEU A 94 -5.55 -13.34 14.07
CA LEU A 94 -6.51 -13.25 12.96
C LEU A 94 -7.04 -14.63 12.60
N SER A 95 -7.19 -15.49 13.61
CA SER A 95 -7.76 -16.83 13.38
C SER A 95 -9.22 -16.94 13.78
N THR A 96 -9.76 -15.96 14.51
CA THR A 96 -11.12 -16.02 15.05
C THR A 96 -12.00 -15.01 14.34
N ASP A 97 -13.32 -15.26 14.41
CA ASP A 97 -14.29 -14.37 13.76
C ASP A 97 -14.24 -12.97 14.35
N ASN A 98 -14.08 -12.85 15.68
CA ASN A 98 -14.09 -11.51 16.26
C ASN A 98 -12.89 -10.70 15.80
N GLU A 99 -11.73 -11.36 15.66
CA GLU A 99 -10.55 -10.65 15.15
C GLU A 99 -10.74 -10.21 13.70
N LYS A 100 -11.40 -11.04 12.90
CA LYS A 100 -11.65 -10.65 11.51
C LYS A 100 -12.67 -9.51 11.41
N ASP A 101 -13.72 -9.55 12.24
CA ASP A 101 -14.63 -8.41 12.39
C ASP A 101 -13.87 -7.13 12.72
N ASN A 102 -12.98 -7.19 13.73
CA ASN A 102 -12.26 -5.98 14.09
C ASN A 102 -11.23 -5.60 13.03
N TYR A 103 -10.65 -6.56 12.32
CA TYR A 103 -9.73 -6.26 11.24
C TYR A 103 -10.43 -5.48 10.14
N LEU A 104 -11.57 -5.99 9.69
CA LEU A 104 -12.35 -5.33 8.66
C LEU A 104 -12.77 -3.92 9.07
N LYS A 105 -13.27 -3.78 10.31
CA LYS A 105 -13.69 -2.47 10.79
C LYS A 105 -12.51 -1.52 10.94
N GLY A 106 -11.37 -2.05 11.43
CA GLY A 106 -10.15 -1.25 11.55
C GLY A 106 -9.64 -0.77 10.20
N VAL A 107 -9.56 -1.67 9.21
CA VAL A 107 -9.10 -1.22 7.89
C VAL A 107 -10.04 -0.19 7.30
N THR A 108 -11.36 -0.40 7.40
CA THR A 108 -12.25 0.60 6.82
C THR A 108 -12.10 1.95 7.51
N LYS A 109 -11.91 1.95 8.84
CA LYS A 109 -11.71 3.18 9.59
C LYS A 109 -10.47 3.93 9.10
N LEU A 110 -9.41 3.19 8.78
CA LEU A 110 -8.17 3.80 8.30
C LEU A 110 -8.33 4.35 6.90
N PHE A 111 -9.13 3.68 6.03
CA PHE A 111 -9.37 4.31 4.74
C PHE A 111 -10.16 5.61 4.90
N GLU A 112 -11.11 5.64 5.84
CA GLU A 112 -11.88 6.88 6.02
C GLU A 112 -10.99 7.98 6.57
N ARG A 113 -10.06 7.64 7.46
CA ARG A 113 -9.14 8.65 7.98
C ARG A 113 -8.27 9.21 6.87
N ILE A 114 -7.80 8.35 5.98
CA ILE A 114 -7.00 8.80 4.85
C ILE A 114 -7.85 9.67 3.92
N TYR A 115 -9.08 9.24 3.61
CA TYR A 115 -9.95 9.99 2.71
C TYR A 115 -10.40 11.34 3.28
N SER A 116 -10.38 11.49 4.60
CA SER A 116 -10.80 12.74 5.23
C SER A 116 -9.78 13.87 5.03
N THR A 117 -8.63 13.60 4.44
CA THR A 117 -7.63 14.63 4.16
C THR A 117 -7.64 14.88 2.66
N ASP A 118 -7.30 16.10 2.22
CA ASP A 118 -7.30 16.36 0.79
C ASP A 118 -6.26 15.49 0.10
N LEU A 119 -5.09 15.28 0.73
CA LEU A 119 -4.05 14.50 0.10
C LEU A 119 -4.48 13.03 -0.04
N GLY A 120 -5.15 12.51 0.98
CA GLY A 120 -5.62 11.13 0.91
C GLY A 120 -6.71 10.94 -0.13
N ARG A 121 -7.61 11.91 -0.23
CA ARG A 121 -8.61 11.88 -1.31
C ARG A 121 -7.92 11.86 -2.67
N MET A 122 -6.89 12.68 -2.87
CA MET A 122 -6.15 12.68 -4.13
C MET A 122 -5.52 11.33 -4.39
N LEU A 123 -4.74 10.82 -3.40
CA LEU A 123 -4.10 9.51 -3.52
C LEU A 123 -5.13 8.42 -3.85
N LEU A 124 -6.24 8.37 -3.09
CA LEU A 124 -7.19 7.28 -3.34
C LEU A 124 -7.88 7.45 -4.69
N THR A 125 -8.08 8.69 -5.16
CA THR A 125 -8.64 8.87 -6.50
C THR A 125 -7.67 8.34 -7.56
N SER A 126 -6.38 8.64 -7.39
CA SER A 126 -5.35 8.10 -8.28
C SER A 126 -5.35 6.59 -8.28
N ILE A 127 -5.51 5.99 -7.11
CA ILE A 127 -5.47 4.53 -7.04
C ILE A 127 -6.68 3.93 -7.77
N VAL A 128 -7.86 4.51 -7.61
CA VAL A 128 -9.05 3.94 -8.27
C VAL A 128 -8.95 4.11 -9.79
N ARG A 129 -8.40 5.26 -10.24
CA ARG A 129 -8.23 5.51 -11.66
C ARG A 129 -7.10 4.69 -12.26
N GLY A 130 -6.22 4.13 -11.42
CA GLY A 130 -5.01 3.44 -11.84
C GLY A 130 -5.24 2.00 -12.29
N ILE A 131 -6.23 1.80 -13.17
CA ILE A 131 -6.57 0.45 -13.67
C ILE A 131 -5.35 -0.20 -14.32
N PRO A 132 -4.96 -1.42 -13.93
CA PRO A 132 -3.88 -2.12 -14.65
C PRO A 132 -4.12 -2.21 -16.14
N PHE A 133 -3.07 -1.95 -16.91
CA PHE A 133 -3.24 -1.81 -18.35
C PHE A 133 -3.67 -3.13 -18.97
N TRP A 134 -4.49 -3.04 -20.03
CA TRP A 134 -4.93 -4.20 -20.78
C TRP A 134 -3.83 -4.60 -21.77
N GLY A 135 -2.76 -5.17 -21.23
CA GLY A 135 -1.65 -5.56 -22.09
C GLY A 135 -1.54 -7.04 -22.33
N GLY A 136 -2.68 -7.74 -22.31
CA GLY A 136 -2.69 -9.20 -22.41
C GLY A 136 -2.71 -9.78 -23.81
N SER A 137 -2.91 -8.99 -24.83
CA SER A 137 -3.06 -9.56 -26.16
C SER A 137 -1.72 -9.98 -26.74
N THR A 138 -1.74 -11.01 -27.58
CA THR A 138 -0.57 -11.39 -28.37
C THR A 138 -0.63 -10.87 -29.80
N ILE A 139 -1.67 -10.11 -30.12
CA ILE A 139 -1.82 -9.55 -31.45
C ILE A 139 -2.05 -8.05 -31.30
N ASP A 140 -1.29 -7.26 -32.06
CA ASP A 140 -1.29 -5.79 -31.95
C ASP A 140 -2.68 -5.18 -32.12
N THR A 141 -3.52 -5.77 -32.94
CA THR A 141 -4.79 -5.16 -33.31
C THR A 141 -5.86 -5.33 -32.26
N GLU A 142 -5.57 -6.04 -31.16
CA GLU A 142 -6.53 -6.38 -30.13
C GLU A 142 -6.04 -5.93 -28.76
N LEU A 143 -6.94 -5.32 -28.00
CA LEU A 143 -6.70 -4.95 -26.62
C LEU A 143 -7.34 -5.99 -25.71
N LYS A 144 -6.59 -6.54 -24.76
CA LYS A 144 -7.08 -7.66 -23.97
C LYS A 144 -6.59 -7.51 -22.54
N VAL A 145 -7.47 -7.84 -21.58
CA VAL A 145 -7.10 -7.79 -20.16
C VAL A 145 -6.01 -8.82 -19.85
N ILE A 146 -5.29 -8.58 -18.75
CA ILE A 146 -4.39 -9.56 -18.17
C ILE A 146 -5.11 -10.21 -16.99
N ASP A 147 -5.27 -11.55 -17.06
CA ASP A 147 -6.19 -12.28 -16.20
C ASP A 147 -5.85 -12.16 -14.71
N THR A 148 -4.58 -11.97 -14.38
CA THR A 148 -4.18 -11.94 -12.97
C THR A 148 -4.41 -10.55 -12.33
N ASN A 149 -5.03 -9.62 -13.08
CA ASN A 149 -5.55 -8.36 -12.54
C ASN A 149 -7.04 -8.45 -12.21
N CYS A 150 -7.54 -9.66 -11.98
CA CYS A 150 -8.93 -9.96 -11.71
C CYS A 150 -9.02 -10.83 -10.45
N ILE A 151 -10.23 -10.90 -9.90
CA ILE A 151 -10.52 -11.94 -8.92
C ILE A 151 -11.74 -12.70 -9.37
N ASN A 152 -11.85 -13.94 -8.90
CA ASN A 152 -12.96 -14.78 -9.31
C ASN A 152 -13.98 -14.83 -8.17
N VAL A 153 -15.20 -14.36 -8.44
CA VAL A 153 -16.23 -14.23 -7.42
C VAL A 153 -17.14 -15.45 -7.56
N ILE A 154 -17.12 -16.30 -6.52
CA ILE A 154 -17.69 -17.66 -6.60
C ILE A 154 -19.20 -17.63 -6.40
N GLN A 155 -19.91 -18.45 -7.20
CA GLN A 155 -21.38 -18.60 -7.16
C GLN A 155 -21.79 -19.53 -8.32
N SER A 159 -20.24 -21.99 -9.85
CA SER A 159 -20.00 -21.06 -10.96
C SER A 159 -19.10 -19.94 -10.46
N TYR A 160 -18.51 -19.14 -11.36
CA TYR A 160 -17.80 -17.95 -10.92
C TYR A 160 -17.88 -16.90 -12.01
N ARG A 161 -17.69 -15.66 -11.61
CA ARG A 161 -17.59 -14.58 -12.57
C ARG A 161 -16.35 -13.77 -12.20
N SER A 162 -15.56 -13.45 -13.19
CA SER A 162 -14.32 -12.70 -12.97
C SER A 162 -14.60 -11.22 -13.03
N GLU A 163 -13.82 -10.45 -12.25
CA GLU A 163 -14.03 -9.00 -12.14
C GLU A 163 -12.67 -8.37 -11.92
N GLU A 164 -12.39 -7.31 -12.66
CA GLU A 164 -11.15 -6.54 -12.50
C GLU A 164 -11.14 -5.79 -11.18
N LEU A 165 -9.95 -5.63 -10.59
CA LEU A 165 -9.81 -4.79 -9.41
C LEU A 165 -8.38 -4.26 -9.33
N ASN A 166 -8.18 -3.25 -8.48
CA ASN A 166 -6.86 -2.63 -8.37
C ASN A 166 -6.14 -2.98 -7.09
N LEU A 167 -6.85 -3.15 -5.99
CA LEU A 167 -6.19 -3.20 -4.68
C LEU A 167 -6.93 -4.18 -3.78
N VAL A 168 -6.16 -5.00 -3.05
CA VAL A 168 -6.70 -5.92 -2.04
C VAL A 168 -5.87 -5.72 -0.76
N ILE A 169 -6.52 -5.45 0.36
CA ILE A 169 -5.83 -5.38 1.63
C ILE A 169 -6.04 -6.74 2.27
N ILE A 170 -4.94 -7.42 2.65
CA ILE A 170 -5.05 -8.76 3.21
C ILE A 170 -4.22 -8.82 4.49
N GLY A 171 -4.53 -9.80 5.34
CA GLY A 171 -3.75 -9.95 6.57
C GLY A 171 -2.32 -10.38 6.30
N PRO A 172 -1.43 -10.25 7.28
CA PRO A 172 -0.04 -10.60 7.03
C PRO A 172 0.14 -12.09 6.88
N SER A 173 1.28 -12.46 6.28
CA SER A 173 1.70 -13.85 6.28
C SER A 173 2.41 -14.17 7.62
N ALA A 174 3.39 -15.06 7.63
CA ALA A 174 4.00 -15.51 8.90
C ALA A 174 4.57 -14.34 9.69
N ASP A 175 5.35 -13.46 9.05
CA ASP A 175 5.92 -12.34 9.79
C ASP A 175 4.89 -11.21 9.82
N ILE A 176 4.33 -10.96 10.99
CA ILE A 176 3.18 -10.06 11.11
C ILE A 176 3.54 -8.64 10.68
N ILE A 177 4.77 -8.20 10.98
CA ILE A 177 5.12 -6.82 10.74
C ILE A 177 5.86 -6.62 9.42
N GLN A 178 5.89 -7.63 8.57
CA GLN A 178 6.40 -7.49 7.20
C GLN A 178 5.18 -7.16 6.33
N PHE A 179 4.98 -5.89 6.05
CA PHE A 179 3.81 -5.44 5.29
C PHE A 179 4.11 -5.41 3.79
N GLU A 180 4.50 -6.55 3.24
CA GLU A 180 4.88 -6.62 1.82
C GLU A 180 3.67 -6.46 0.88
N CYS A 181 3.96 -6.09 -0.36
CA CYS A 181 2.96 -6.04 -1.43
C CYS A 181 3.27 -7.12 -2.45
N LYS A 182 2.27 -7.97 -2.72
CA LYS A 182 2.41 -9.06 -3.68
C LYS A 182 1.57 -8.79 -4.92
N SER A 183 2.08 -9.19 -6.08
CA SER A 183 1.29 -9.06 -7.31
C SER A 183 1.77 -10.10 -8.29
N PHE A 184 1.02 -10.28 -9.38
CA PHE A 184 1.30 -11.34 -10.34
C PHE A 184 1.69 -10.70 -11.69
N GLY A 185 2.56 -11.37 -12.44
CA GLY A 185 3.11 -10.75 -13.64
C GLY A 185 3.66 -11.66 -14.71
N LEU A 189 6.52 -9.70 -18.98
CA LEU A 189 6.28 -8.30 -18.62
C LEU A 189 6.43 -8.02 -17.12
N ASN A 190 7.28 -7.04 -16.77
CA ASN A 190 7.46 -6.64 -15.36
C ASN A 190 6.50 -5.51 -15.00
N LEU A 191 5.28 -5.91 -14.63
CA LEU A 191 4.12 -5.00 -14.66
C LEU A 191 4.26 -3.83 -13.69
N THR A 192 5.00 -3.97 -12.59
CA THR A 192 5.09 -2.83 -11.67
C THR A 192 6.14 -1.83 -12.11
N ARG A 193 6.91 -2.14 -13.13
CA ARG A 193 8.03 -1.31 -13.56
C ARG A 193 8.01 -1.04 -15.06
N ASN A 194 6.93 -1.37 -15.78
CA ASN A 194 6.91 -1.16 -17.22
C ASN A 194 5.77 -0.22 -17.64
N GLY A 195 5.20 0.52 -16.68
CA GLY A 195 4.09 1.41 -16.96
C GLY A 195 2.72 0.77 -16.92
N TYR A 196 2.62 -0.57 -16.97
CA TYR A 196 1.31 -1.21 -17.09
C TYR A 196 0.54 -1.20 -15.78
N GLY A 197 1.18 -1.58 -14.70
CA GLY A 197 0.49 -1.75 -13.43
C GLY A 197 -0.07 -3.17 -13.30
N SER A 198 -0.32 -3.55 -12.05
CA SER A 198 -0.96 -4.82 -11.73
C SER A 198 -1.70 -4.69 -10.41
N THR A 199 -2.70 -5.55 -10.23
CA THR A 199 -3.47 -5.57 -9.00
C THR A 199 -2.52 -5.80 -7.83
N GLN A 200 -2.64 -4.99 -6.78
CA GLN A 200 -1.74 -5.06 -5.64
C GLN A 200 -2.42 -5.70 -4.43
N TYR A 201 -1.77 -6.72 -3.84
CA TYR A 201 -2.22 -7.37 -2.60
C TYR A 201 -1.30 -6.86 -1.49
N ILE A 202 -1.82 -5.97 -0.65
CA ILE A 202 -1.03 -5.38 0.44
C ILE A 202 -1.25 -6.15 1.72
N ARG A 203 -0.17 -6.70 2.27
CA ARG A 203 -0.23 -7.32 3.59
C ARG A 203 -0.16 -6.22 4.63
N PHE A 204 -1.15 -6.20 5.52
CA PHE A 204 -1.33 -5.07 6.42
C PHE A 204 -2.17 -5.51 7.61
N SER A 205 -1.87 -4.94 8.76
CA SER A 205 -2.76 -5.13 9.91
C SER A 205 -3.02 -3.80 10.60
N PRO A 206 -4.27 -3.49 10.94
CA PRO A 206 -4.55 -2.32 11.79
C PRO A 206 -4.39 -2.57 13.29
N ASP A 207 -3.97 -3.77 13.68
CA ASP A 207 -4.01 -4.22 15.07
C ASP A 207 -2.67 -4.12 15.75
N PHE A 208 -1.63 -3.69 15.01
CA PHE A 208 -0.26 -3.57 15.51
C PHE A 208 0.24 -2.21 15.09
N THR A 209 1.19 -1.65 15.84
CA THR A 209 1.88 -0.47 15.34
C THR A 209 3.24 -0.41 16.00
N PHE A 210 4.10 0.46 15.45
CA PHE A 210 5.49 0.50 15.86
C PHE A 210 5.73 1.68 16.78
N GLY A 211 6.71 1.55 17.67
CA GLY A 211 7.07 2.65 18.54
C GLY A 211 8.31 3.33 18.00
N PHE A 212 8.37 4.65 18.15
CA PHE A 212 9.54 5.41 17.74
C PHE A 212 9.89 6.41 18.82
N GLU A 213 11.04 7.07 18.66
CA GLU A 213 11.54 8.01 19.67
C GLU A 213 11.47 9.46 19.18
N GLU A 214 11.11 10.36 20.11
CA GLU A 214 10.83 11.75 19.78
C GLU A 214 12.11 12.56 19.50
N SER A 215 13.25 12.17 20.09
CA SER A 215 14.56 12.75 19.73
C SER A 215 15.12 12.04 18.51
N LEU A 216 15.51 12.82 17.49
CA LEU A 216 16.06 12.24 16.26
C LEU A 216 17.34 11.47 16.54
N GLU A 217 18.21 12.00 17.41
CA GLU A 217 19.46 11.31 17.68
C GLU A 217 19.22 9.96 18.32
N VAL A 218 18.17 9.86 19.15
CA VAL A 218 17.81 8.56 19.76
C VAL A 218 17.14 7.66 18.73
N ASP A 219 16.26 8.21 17.91
CA ASP A 219 15.51 7.37 16.98
C ASP A 219 16.43 6.73 15.94
N THR A 220 17.52 7.40 15.59
CA THR A 220 18.47 6.91 14.60
C THR A 220 19.65 6.19 15.26
N ASN A 221 19.48 5.77 16.51
CA ASN A 221 20.54 5.06 17.17
C ASN A 221 20.02 3.67 17.53
N PRO A 222 20.69 2.60 17.13
CA PRO A 222 20.12 1.26 17.33
C PRO A 222 20.15 0.78 18.78
N LEU A 223 20.87 1.46 19.69
CA LEU A 223 21.07 1.01 21.05
C LEU A 223 20.18 1.74 22.07
N LEU A 224 19.44 2.77 21.66
CA LEU A 224 18.78 3.66 22.61
C LEU A 224 17.28 3.74 22.36
N GLY A 225 16.52 3.90 23.43
CA GLY A 225 15.10 4.16 23.32
C GLY A 225 14.24 2.91 23.37
N ALA A 226 13.11 3.02 24.05
CA ALA A 226 12.17 1.90 24.17
C ALA A 226 10.98 2.03 23.23
N GLY A 227 10.80 3.16 22.55
CA GLY A 227 9.65 3.33 21.69
C GLY A 227 8.52 4.04 22.40
N LYS A 228 8.79 5.25 22.88
CA LYS A 228 7.81 5.98 23.68
C LYS A 228 6.55 6.34 22.89
N PHE A 229 6.68 6.71 21.62
CA PHE A 229 5.55 7.20 20.86
C PHE A 229 5.16 6.17 19.81
N ALA A 230 3.84 6.03 19.59
CA ALA A 230 3.30 5.04 18.68
C ALA A 230 2.96 5.68 17.34
N THR A 231 3.41 5.06 16.27
CA THR A 231 3.03 5.48 14.91
C THR A 231 1.53 5.39 14.75
N ASP A 232 0.95 6.40 14.13
CA ASP A 232 -0.47 6.31 13.78
C ASP A 232 -0.61 5.34 12.60
N PRO A 233 -1.37 4.24 12.74
CA PRO A 233 -1.46 3.26 11.64
C PRO A 233 -2.09 3.82 10.38
N ALA A 234 -2.79 4.94 10.45
CA ALA A 234 -3.20 5.59 9.19
C ALA A 234 -2.00 6.04 8.36
N VAL A 235 -0.90 6.47 9.01
CA VAL A 235 0.27 6.82 8.23
C VAL A 235 0.88 5.58 7.59
N THR A 236 0.95 4.47 8.36
CA THR A 236 1.47 3.22 7.81
C THR A 236 0.66 2.74 6.63
N LEU A 237 -0.66 2.81 6.72
CA LEU A 237 -1.45 2.36 5.58
C LEU A 237 -1.24 3.30 4.40
N ALA A 238 -1.17 4.60 4.66
CA ALA A 238 -0.94 5.55 3.57
C ALA A 238 0.40 5.29 2.90
N HIS A 239 1.43 4.98 3.70
CA HIS A 239 2.73 4.60 3.14
C HIS A 239 2.62 3.42 2.18
N GLU A 240 1.94 2.35 2.60
CA GLU A 240 1.75 1.21 1.71
C GLU A 240 0.93 1.60 0.47
N LEU A 241 -0.09 2.44 0.64
CA LEU A 241 -0.90 2.85 -0.53
C LEU A 241 -0.07 3.71 -1.52
N ILE A 242 0.92 4.44 -1.01
CA ILE A 242 1.79 5.20 -1.89
C ILE A 242 2.58 4.24 -2.76
N HIS A 243 3.14 3.17 -2.15
CA HIS A 243 3.80 2.15 -2.95
C HIS A 243 2.84 1.55 -3.95
N ALA A 244 1.60 1.29 -3.53
CA ALA A 244 0.66 0.66 -4.43
C ALA A 244 0.32 1.57 -5.60
N GLY A 245 0.24 2.88 -5.33
CA GLY A 245 0.13 3.85 -6.42
C GLY A 245 1.26 3.75 -7.43
N HIS A 246 2.51 3.71 -6.97
CA HIS A 246 3.62 3.55 -7.91
C HIS A 246 3.44 2.28 -8.71
N ARG A 247 3.10 1.20 -8.01
CA ARG A 247 3.02 -0.10 -8.67
C ARG A 247 1.85 -0.18 -9.65
N LEU A 248 0.73 0.47 -9.33
CA LEU A 248 -0.42 0.42 -10.27
C LEU A 248 -0.16 1.27 -11.52
N TYR A 249 0.69 2.28 -11.43
CA TYR A 249 1.07 3.03 -12.61
C TYR A 249 2.33 2.48 -13.25
N GLY A 250 2.83 1.35 -12.74
CA GLY A 250 4.02 0.73 -13.32
C GLY A 250 5.28 1.58 -13.27
N ILE A 251 5.45 2.38 -12.22
CA ILE A 251 6.62 3.24 -12.08
C ILE A 251 7.39 2.97 -10.78
N ALA A 252 7.23 1.81 -10.15
CA ALA A 252 8.07 1.55 -8.98
C ALA A 252 9.54 1.43 -9.37
N ILE A 253 10.44 1.94 -8.53
CA ILE A 253 11.87 1.81 -8.82
C ILE A 253 12.37 0.42 -8.49
N ASN A 254 13.11 -0.19 -9.42
CA ASN A 254 13.79 -1.46 -9.21
C ASN A 254 14.35 -1.59 -7.79
N PRO A 255 13.95 -2.61 -7.02
CA PRO A 255 14.39 -2.70 -5.62
C PRO A 255 15.87 -2.85 -5.43
N ASN A 256 16.59 -3.22 -6.47
CA ASN A 256 18.01 -3.39 -6.38
C ASN A 256 18.78 -2.09 -6.65
N ARG A 257 18.07 -0.98 -6.88
CA ARG A 257 18.66 0.36 -6.91
C ARG A 257 18.53 0.91 -5.49
N VAL A 258 19.67 0.99 -4.78
CA VAL A 258 19.64 1.25 -3.36
C VAL A 258 20.61 2.36 -2.99
N PHE A 259 20.33 3.00 -1.85
CA PHE A 259 21.23 3.95 -1.19
C PHE A 259 22.07 3.17 -0.18
N LYS A 260 23.36 3.09 -0.43
CA LYS A 260 24.24 2.41 0.53
C LYS A 260 24.58 3.44 1.60
N VAL A 261 23.73 3.49 2.63
CA VAL A 261 23.64 4.57 3.62
C VAL A 261 24.96 4.97 4.25
N ASN A 262 25.41 6.19 3.97
CA ASN A 262 26.62 6.73 4.58
C ASN A 262 26.34 7.97 5.41
N THR A 263 25.11 8.14 5.88
CA THR A 263 24.74 9.27 6.72
C THR A 263 24.43 8.88 8.15
N ASN A 264 24.55 7.59 8.46
CA ASN A 264 24.21 7.06 9.78
C ASN A 264 25.28 6.02 10.08
N ALA A 265 26.16 6.32 11.04
CA ALA A 265 27.29 5.46 11.34
C ALA A 265 26.87 4.03 11.68
N TYR A 266 25.67 3.86 12.23
CA TYR A 266 25.19 2.52 12.55
C TYR A 266 24.62 1.81 11.35
N TYR A 267 24.01 2.56 10.43
CA TYR A 267 23.71 2.00 9.12
C TYR A 267 24.99 1.51 8.44
N GLU A 268 26.08 2.28 8.54
CA GLU A 268 27.32 1.88 7.87
C GLU A 268 28.03 0.74 8.60
N MET A 269 27.87 0.66 9.92
CA MET A 269 28.43 -0.47 10.66
C MET A 269 27.75 -1.77 10.25
N SER A 270 26.41 -1.76 10.15
CA SER A 270 25.57 -2.88 9.75
C SER A 270 25.42 -3.00 8.24
N GLY A 271 25.93 -2.03 7.48
CA GLY A 271 25.83 -2.08 6.03
C GLY A 271 24.39 -2.10 5.53
N LEU A 272 23.51 -1.36 6.20
CA LEU A 272 22.11 -1.36 5.81
C LEU A 272 21.94 -0.62 4.50
N GLU A 273 21.21 -1.24 3.57
CA GLU A 273 20.95 -0.69 2.23
C GLU A 273 19.46 -0.46 2.07
N VAL A 274 19.08 0.76 1.71
CA VAL A 274 17.68 1.13 1.62
C VAL A 274 17.37 1.48 0.18
N SER A 275 16.28 0.92 -0.37
CA SER A 275 15.99 1.13 -1.77
C SER A 275 15.54 2.56 -2.05
N PHE A 276 15.86 3.04 -3.24
CA PHE A 276 15.37 4.35 -3.66
C PHE A 276 13.84 4.42 -3.61
N GLU A 277 13.16 3.29 -3.89
CA GLU A 277 11.71 3.28 -3.80
C GLU A 277 11.24 3.67 -2.39
N GLU A 278 11.94 3.22 -1.34
CA GLU A 278 11.54 3.61 0.01
C GLU A 278 11.82 5.06 0.28
N LEU A 279 12.99 5.54 -0.14
CA LEU A 279 13.35 6.93 0.13
C LEU A 279 12.39 7.86 -0.60
N ARG A 280 12.00 7.49 -1.82
CA ARG A 280 10.98 8.27 -2.57
C ARG A 280 9.65 8.28 -1.83
N THR A 281 9.22 7.12 -1.30
CA THR A 281 7.92 7.02 -0.67
C THR A 281 7.88 7.80 0.63
N PHE A 282 8.99 7.76 1.41
CA PHE A 282 8.99 8.58 2.61
C PHE A 282 8.97 10.06 2.26
N GLY A 283 9.78 10.47 1.30
CA GLY A 283 9.84 11.84 0.85
C GLY A 283 10.68 12.70 1.77
N GLY A 284 10.27 13.95 1.95
CA GLY A 284 11.00 14.89 2.80
C GLY A 284 12.46 14.96 2.44
N HIS A 285 13.32 15.07 3.47
CA HIS A 285 14.75 15.10 3.22
C HIS A 285 15.32 13.77 2.69
N ASP A 286 14.67 12.62 2.99
CA ASP A 286 15.17 11.32 2.49
C ASP A 286 15.24 11.28 0.97
N ALA A 287 14.29 11.92 0.28
CA ALA A 287 14.27 11.75 -1.16
C ALA A 287 15.44 12.47 -1.81
N LYS A 288 16.06 13.43 -1.11
CA LYS A 288 17.24 14.06 -1.65
C LYS A 288 18.46 13.15 -1.70
N PHE A 289 18.44 11.98 -1.04
CA PHE A 289 19.53 11.03 -1.21
C PHE A 289 19.46 10.27 -2.54
N ILE A 290 18.45 10.50 -3.36
CA ILE A 290 18.43 10.04 -4.74
C ILE A 290 19.06 11.15 -5.58
N ASP A 291 20.16 10.86 -6.26
CA ASP A 291 20.85 11.91 -6.99
C ASP A 291 20.06 12.37 -8.21
N SER A 292 20.21 13.65 -8.54
CA SER A 292 19.48 14.24 -9.66
C SER A 292 19.65 13.42 -10.94
N LEU A 293 20.83 12.84 -11.14
CA LEU A 293 21.11 12.16 -12.40
C LEU A 293 20.38 10.82 -12.48
N GLN A 294 20.38 10.06 -11.39
CA GLN A 294 19.64 8.80 -11.37
C GLN A 294 18.15 9.03 -11.38
N GLU A 295 17.66 10.11 -10.76
CA GLU A 295 16.25 10.45 -10.87
C GLU A 295 15.87 10.77 -12.31
N ASN A 296 16.70 11.52 -13.02
CA ASN A 296 16.41 11.79 -14.44
C ASN A 296 16.38 10.50 -15.25
N GLU A 297 17.25 9.56 -14.91
CA GLU A 297 17.27 8.28 -15.60
C GLU A 297 15.97 7.50 -15.37
N PHE A 298 15.49 7.46 -14.12
CA PHE A 298 14.19 6.83 -13.85
C PHE A 298 13.07 7.56 -14.57
N ARG A 299 13.10 8.89 -14.55
CA ARG A 299 12.01 9.65 -15.18
C ARG A 299 11.93 9.37 -16.67
N LEU A 300 13.09 9.36 -17.34
CA LEU A 300 13.15 9.09 -18.78
C LEU A 300 12.73 7.65 -19.06
N TYR A 301 13.17 6.72 -18.21
CA TYR A 301 12.74 5.33 -18.37
C TYR A 301 11.21 5.23 -18.38
N TYR A 302 10.55 5.82 -17.38
CA TYR A 302 9.11 5.63 -17.28
C TYR A 302 8.37 6.45 -18.34
N TYR A 303 8.90 7.60 -18.71
CA TYR A 303 8.31 8.35 -19.83
C TYR A 303 8.26 7.51 -21.09
N ASN A 304 9.34 6.78 -21.38
CA ASN A 304 9.39 5.91 -22.54
C ASN A 304 8.40 4.75 -22.40
N LYS A 305 8.21 4.27 -21.17
CA LYS A 305 7.18 3.23 -20.95
C LYS A 305 5.79 3.77 -21.31
N PHE A 306 5.47 4.99 -20.85
CA PHE A 306 4.16 5.56 -21.18
C PHE A 306 4.01 5.77 -22.70
N LYS A 307 5.09 6.09 -23.40
CA LYS A 307 5.00 6.20 -24.85
C LYS A 307 4.63 4.88 -25.49
N ASP A 308 5.20 3.78 -25.00
CA ASP A 308 4.87 2.45 -25.53
C ASP A 308 3.39 2.13 -25.32
N ILE A 309 2.84 2.58 -24.19
CA ILE A 309 1.43 2.33 -23.95
C ILE A 309 0.56 3.12 -24.94
N ALA A 310 0.93 4.38 -25.18
CA ALA A 310 0.17 5.14 -26.18
C ALA A 310 0.24 4.44 -27.52
N SER A 311 1.42 3.90 -27.87
CA SER A 311 1.58 3.26 -29.16
C SER A 311 0.74 1.99 -29.23
N THR A 312 0.77 1.20 -28.19
CA THR A 312 -0.10 0.03 -28.12
C THR A 312 -1.57 0.39 -28.28
N LEU A 313 -2.03 1.44 -27.59
CA LEU A 313 -3.44 1.84 -27.73
C LEU A 313 -3.77 2.24 -29.17
N ASN A 314 -2.85 2.94 -29.84
CA ASN A 314 -3.10 3.36 -31.22
C ASN A 314 -3.19 2.17 -32.18
N LYS A 315 -2.45 1.10 -31.93
CA LYS A 315 -2.56 -0.05 -32.81
C LYS A 315 -3.83 -0.86 -32.59
N ALA A 316 -4.47 -0.76 -31.43
CA ALA A 316 -5.61 -1.62 -31.12
C ALA A 316 -6.85 -1.15 -31.88
N LYS A 317 -7.46 -2.07 -32.64
CA LYS A 317 -8.66 -1.74 -33.40
C LYS A 317 -9.87 -2.54 -32.95
N SER A 318 -9.72 -3.40 -31.95
CA SER A 318 -10.83 -4.20 -31.45
C SER A 318 -10.51 -4.59 -30.02
N ILE A 319 -11.56 -4.88 -29.27
CA ILE A 319 -11.42 -5.21 -27.86
C ILE A 319 -11.89 -6.64 -27.67
N VAL A 320 -11.26 -7.32 -26.74
CA VAL A 320 -11.56 -8.71 -26.41
C VAL A 320 -12.47 -8.71 -25.20
N GLY A 321 -13.55 -9.51 -25.24
CA GLY A 321 -14.39 -9.66 -24.08
C GLY A 321 -15.72 -8.94 -24.21
N THR A 322 -16.46 -8.94 -23.09
CA THR A 322 -17.82 -8.41 -23.05
C THR A 322 -18.03 -7.34 -21.99
N THR A 323 -16.97 -6.86 -21.32
CA THR A 323 -17.22 -5.97 -20.19
C THR A 323 -17.29 -4.49 -20.57
N ALA A 324 -16.61 -4.09 -21.64
CA ALA A 324 -16.48 -2.68 -21.99
C ALA A 324 -16.15 -2.53 -23.47
N SER A 325 -16.48 -1.35 -24.02
CA SER A 325 -16.19 -1.11 -25.43
C SER A 325 -14.72 -0.70 -25.63
N LEU A 326 -14.23 -0.87 -26.86
CA LEU A 326 -12.89 -0.39 -27.18
C LEU A 326 -12.73 1.10 -26.85
N GLN A 327 -13.70 1.93 -27.23
CA GLN A 327 -13.54 3.36 -27.00
C GLN A 327 -13.62 3.70 -25.51
N TYR A 328 -14.38 2.93 -24.71
CA TYR A 328 -14.39 3.19 -23.29
C TYR A 328 -13.02 2.86 -22.68
N MET A 329 -12.43 1.72 -23.04
CA MET A 329 -11.13 1.37 -22.43
C MET A 329 -10.03 2.30 -22.93
N LYS A 330 -10.02 2.70 -24.21
CA LYS A 330 -9.04 3.70 -24.63
C LYS A 330 -9.17 4.95 -23.79
N ASN A 331 -10.40 5.36 -23.48
CA ASN A 331 -10.55 6.58 -22.68
C ASN A 331 -10.13 6.36 -21.22
N VAL A 332 -10.37 5.17 -20.68
CA VAL A 332 -9.89 4.85 -19.33
C VAL A 332 -8.39 5.07 -19.23
N PHE A 333 -7.63 4.60 -20.24
CA PHE A 333 -6.18 4.74 -20.15
C PHE A 333 -5.71 6.13 -20.56
N LYS A 334 -6.42 6.81 -21.45
CA LYS A 334 -6.14 8.24 -21.65
C LYS A 334 -6.22 8.98 -20.32
N GLU A 335 -7.25 8.70 -19.53
CA GLU A 335 -7.41 9.40 -18.26
C GLU A 335 -6.37 8.93 -17.25
N LYS A 336 -6.08 7.64 -17.22
CA LYS A 336 -5.08 7.14 -16.27
C LYS A 336 -3.73 7.82 -16.46
N TYR A 337 -3.20 7.79 -17.69
CA TYR A 337 -1.84 8.19 -18.00
C TYR A 337 -1.76 9.64 -18.46
N LEU A 338 -2.88 10.36 -18.47
CA LEU A 338 -2.91 11.75 -18.94
C LEU A 338 -2.40 11.84 -20.37
N LEU A 339 -2.87 10.91 -21.23
CA LEU A 339 -2.48 10.94 -22.63
C LEU A 339 -3.14 12.12 -23.34
N SER A 340 -2.44 12.66 -24.34
CA SER A 340 -3.05 13.62 -25.23
C SER A 340 -3.64 12.89 -26.43
N GLU A 341 -4.68 13.48 -27.01
CA GLU A 341 -5.45 12.83 -28.08
C GLU A 341 -5.62 13.82 -29.22
N ASP A 342 -5.13 13.49 -30.41
CA ASP A 342 -5.26 14.45 -31.49
C ASP A 342 -6.61 14.31 -32.18
N THR A 343 -6.83 15.15 -33.21
CA THR A 343 -8.13 15.15 -33.86
C THR A 343 -8.37 13.89 -34.69
N SER A 344 -7.35 13.06 -34.91
CA SER A 344 -7.49 11.79 -35.59
C SER A 344 -7.77 10.64 -34.63
N GLY A 345 -7.84 10.90 -33.33
CA GLY A 345 -8.06 9.85 -32.34
C GLY A 345 -6.79 9.18 -31.85
N LYS A 346 -5.63 9.71 -32.21
CA LYS A 346 -4.37 9.06 -31.87
C LYS A 346 -3.84 9.66 -30.59
N PHE A 347 -3.34 8.79 -29.73
CA PHE A 347 -2.81 9.17 -28.43
C PHE A 347 -1.32 9.42 -28.51
N SER A 348 -0.84 10.33 -27.66
CA SER A 348 0.58 10.63 -27.51
C SER A 348 0.84 11.05 -26.07
N VAL A 349 2.12 11.11 -25.70
CA VAL A 349 2.53 11.50 -24.34
C VAL A 349 3.18 12.86 -24.46
N ASP A 350 2.58 13.85 -23.81
CA ASP A 350 3.11 15.20 -23.66
C ASP A 350 3.98 15.23 -22.41
N LYS A 351 5.24 15.67 -22.55
CA LYS A 351 6.16 15.64 -21.42
C LYS A 351 5.65 16.47 -20.27
N LEU A 352 5.01 17.61 -20.53
CA LEU A 352 4.51 18.43 -19.42
C LEU A 352 3.49 17.65 -18.59
N LYS A 353 2.60 16.92 -19.24
CA LYS A 353 1.60 16.16 -18.52
C LYS A 353 2.19 14.90 -17.88
N PHE A 354 3.08 14.20 -18.58
CA PHE A 354 3.76 13.07 -17.94
C PHE A 354 4.47 13.52 -16.67
N ASP A 355 5.24 14.62 -16.75
CA ASP A 355 6.00 15.08 -15.59
C ASP A 355 5.06 15.44 -14.44
N LYS A 356 3.90 16.02 -14.76
CA LYS A 356 2.96 16.40 -13.72
C LYS A 356 2.40 15.19 -12.98
N LEU A 357 2.05 14.15 -13.73
CA LEU A 357 1.53 12.93 -13.10
C LEU A 357 2.60 12.20 -12.35
N TYR A 358 3.77 12.04 -12.99
CA TYR A 358 4.87 11.36 -12.33
C TYR A 358 5.25 12.06 -11.04
N LYS A 359 5.28 13.39 -11.07
CA LYS A 359 5.63 14.10 -9.84
C LYS A 359 4.52 13.96 -8.81
N MET A 360 3.27 14.01 -9.26
CA MET A 360 2.18 13.77 -8.34
C MET A 360 2.35 12.45 -7.60
N LEU A 361 2.65 11.37 -8.34
CA LEU A 361 2.66 10.04 -7.72
C LEU A 361 3.90 9.82 -6.84
N THR A 362 4.98 10.54 -7.11
CA THR A 362 6.28 10.27 -6.49
C THR A 362 6.74 11.33 -5.52
N GLU A 363 6.28 12.55 -5.64
CA GLU A 363 6.73 13.64 -4.76
C GLU A 363 5.62 14.27 -3.96
N ILE A 364 4.38 14.25 -4.45
CA ILE A 364 3.26 14.81 -3.70
C ILE A 364 2.72 13.75 -2.74
N TYR A 365 2.49 12.53 -3.24
CA TYR A 365 2.06 11.41 -2.37
C TYR A 365 3.30 10.85 -1.65
N THR A 366 3.58 11.36 -0.43
CA THR A 366 4.70 10.86 0.38
C THR A 366 4.27 10.75 1.84
N GLU A 367 5.01 9.90 2.59
CA GLU A 367 4.71 9.76 4.01
C GLU A 367 4.87 11.09 4.72
N ASP A 368 5.96 11.79 4.43
CA ASP A 368 6.18 13.06 5.09
C ASP A 368 5.03 14.03 4.85
N ASN A 369 4.48 14.08 3.63
CA ASN A 369 3.34 14.98 3.44
C ASN A 369 2.10 14.48 4.18
N PHE A 370 1.87 13.16 4.28
CA PHE A 370 0.71 12.72 5.06
C PHE A 370 0.80 13.15 6.51
N VAL A 371 2.00 13.08 7.09
CA VAL A 371 2.14 13.52 8.48
C VAL A 371 1.68 14.97 8.62
N LYS A 372 2.00 15.81 7.64
CA LYS A 372 1.55 17.19 7.70
C LYS A 372 0.02 17.30 7.73
N PHE A 373 -0.68 16.45 6.96
CA PHE A 373 -2.13 16.53 6.87
C PHE A 373 -2.78 15.95 8.12
N PHE A 374 -2.26 14.83 8.63
CA PHE A 374 -2.84 14.23 9.85
C PHE A 374 -2.51 14.98 11.13
N LYS A 375 -1.45 15.81 11.14
CA LYS A 375 -1.02 16.50 12.35
C LYS A 375 -0.70 15.52 13.48
N VAL A 376 0.08 14.50 13.16
CA VAL A 376 0.50 13.51 14.14
C VAL A 376 2.03 13.55 14.31
N LEU A 377 2.50 13.01 15.44
CA LEU A 377 3.95 12.81 15.59
C LEU A 377 4.35 11.56 14.80
N ASN A 378 5.55 11.58 14.19
CA ASN A 378 5.94 10.46 13.32
C ASN A 378 7.46 10.43 13.25
N ARG A 379 8.00 9.30 12.77
CA ARG A 379 9.46 9.29 12.53
C ARG A 379 9.79 10.41 11.54
N LYS A 380 11.00 10.98 11.68
CA LYS A 380 11.41 12.09 10.80
C LYS A 380 12.16 11.61 9.56
N THR A 381 12.56 10.35 9.54
CA THR A 381 13.35 9.79 8.44
C THR A 381 13.01 8.32 8.37
N TYR A 382 13.11 7.76 7.15
CA TYR A 382 13.10 6.32 7.01
C TYR A 382 14.36 5.68 7.57
N LEU A 383 15.45 6.44 7.65
CA LEU A 383 16.75 5.93 8.08
C LEU A 383 16.87 5.94 9.61
N ASN A 384 15.93 5.26 10.26
CA ASN A 384 15.98 5.14 11.71
C ASN A 384 16.07 3.66 12.09
N PHE A 385 15.83 3.37 13.37
CA PHE A 385 15.85 2.01 13.90
C PHE A 385 14.55 1.77 14.63
N ASP A 386 13.84 0.70 14.29
CA ASP A 386 12.59 0.44 14.99
C ASP A 386 12.87 0.04 16.45
N LYS A 387 11.96 0.44 17.32
CA LYS A 387 12.16 0.28 18.77
C LYS A 387 11.29 -0.81 19.37
N ALA A 388 10.04 -0.91 18.91
CA ALA A 388 9.12 -1.84 19.55
C ALA A 388 7.90 -2.04 18.65
N VAL A 389 7.17 -3.12 18.92
CA VAL A 389 5.87 -3.30 18.27
C VAL A 389 4.83 -3.45 19.37
N PHE A 390 3.72 -2.77 19.20
CA PHE A 390 2.59 -2.73 20.15
C PHE A 390 1.33 -3.35 19.55
N LYS A 391 0.55 -4.01 20.40
CA LYS A 391 -0.83 -4.35 20.04
C LYS A 391 -1.73 -3.15 20.34
N ILE A 392 -2.67 -2.85 19.43
CA ILE A 392 -3.57 -1.71 19.59
C ILE A 392 -4.97 -2.16 19.23
N ASN A 393 -5.93 -1.28 19.49
CA ASN A 393 -7.33 -1.61 19.17
C ASN A 393 -8.00 -0.30 18.77
N ILE A 394 -7.97 0.00 17.48
CA ILE A 394 -8.49 1.30 17.04
C ILE A 394 -9.98 1.30 16.73
N VAL A 395 -10.69 0.17 16.85
CA VAL A 395 -12.09 0.17 16.42
C VAL A 395 -12.98 0.97 17.37
N PRO A 396 -12.82 0.90 18.70
CA PRO A 396 -13.67 1.72 19.58
C PRO A 396 -13.41 3.21 19.42
N LYS A 397 -14.51 3.99 19.36
CA LYS A 397 -14.30 5.44 19.25
C LYS A 397 -13.69 6.05 20.50
N VAL A 398 -13.79 5.37 21.66
CA VAL A 398 -13.08 5.86 22.84
C VAL A 398 -11.58 5.69 22.73
N ASN A 399 -11.10 4.90 21.77
CA ASN A 399 -9.68 4.70 21.55
C ASN A 399 -9.09 5.50 20.40
N TYR A 400 -9.85 5.69 19.32
CA TYR A 400 -9.28 6.22 18.08
C TYR A 400 -10.44 6.65 17.19
N THR A 401 -10.30 7.78 16.51
CA THR A 401 -11.36 8.27 15.64
C THR A 401 -10.81 8.62 14.26
N ILE A 402 -11.72 8.60 13.29
CA ILE A 402 -11.37 8.98 11.91
C ILE A 402 -10.66 10.33 11.87
N TYR A 403 -11.16 11.30 12.64
CA TYR A 403 -10.61 12.64 12.46
C TYR A 403 -9.44 12.97 13.39
N ASP A 404 -9.32 12.30 14.56
CA ASP A 404 -8.23 12.62 15.50
C ASP A 404 -7.20 11.53 15.70
N GLY A 405 -7.42 10.34 15.15
CA GLY A 405 -6.57 9.22 15.48
C GLY A 405 -6.62 8.97 16.97
N PHE A 406 -5.46 8.73 17.58
CA PHE A 406 -5.38 8.53 19.02
C PHE A 406 -5.55 9.83 19.80
N ASN A 407 -5.33 10.99 19.18
CA ASN A 407 -5.22 12.24 19.92
C ASN A 407 -6.60 12.89 20.06
N LEU A 408 -7.45 12.25 20.87
CA LEU A 408 -8.88 12.55 20.87
C LEU A 408 -9.17 13.95 21.37
N ARG A 409 -9.91 14.69 20.56
CA ARG A 409 -10.26 16.07 20.88
C ARG A 409 -10.96 16.15 22.22
N ASN A 410 -10.80 17.29 22.89
CA ASN A 410 -11.46 17.60 24.17
C ASN A 410 -11.22 16.55 25.26
N THR A 411 -10.07 15.88 25.24
CA THR A 411 -9.61 15.01 26.33
C THR A 411 -8.18 15.40 26.69
N ASN A 412 -7.61 14.70 27.67
CA ASN A 412 -6.21 14.95 27.97
C ASN A 412 -5.29 14.38 26.90
N LEU A 413 -5.85 13.70 25.89
CA LEU A 413 -5.02 13.17 24.80
C LEU A 413 -4.91 14.12 23.62
N ALA A 414 -5.63 15.23 23.63
CA ALA A 414 -5.80 16.08 22.46
C ALA A 414 -4.54 16.86 22.15
N ALA A 415 -3.77 17.23 23.18
CA ALA A 415 -2.61 18.09 23.06
C ALA A 415 -1.30 17.31 23.09
N ASN A 416 -0.27 17.89 22.44
CA ASN A 416 1.11 17.40 22.57
C ASN A 416 1.29 15.95 22.12
N PHE A 417 0.43 15.50 21.21
CA PHE A 417 0.40 14.12 20.76
C PHE A 417 0.29 13.15 21.92
N ASN A 418 -0.44 13.53 22.99
CA ASN A 418 -0.52 12.71 24.19
C ASN A 418 -1.17 11.35 23.91
N GLY A 419 -2.10 11.29 22.95
CA GLY A 419 -2.70 10.01 22.60
C GLY A 419 -1.73 9.04 21.96
N GLN A 420 -0.67 9.53 21.32
CA GLN A 420 0.35 8.64 20.78
C GLN A 420 1.42 8.29 21.83
N ASN A 421 1.40 8.97 22.96
CA ASN A 421 2.41 8.80 24.00
C ASN A 421 2.03 7.52 24.74
N THR A 422 2.82 6.46 24.55
CA THR A 422 2.45 5.16 25.12
C THR A 422 2.55 5.13 26.63
N GLU A 423 3.18 6.13 27.25
CA GLU A 423 3.24 6.21 28.71
C GLU A 423 2.03 6.94 29.27
N ILE A 424 1.55 7.97 28.59
CA ILE A 424 0.34 8.63 29.05
C ILE A 424 -0.90 7.81 28.72
N ASN A 425 -1.00 7.38 27.47
CA ASN A 425 -2.16 6.64 26.96
C ASN A 425 -1.92 5.13 27.06
N ASN A 426 -1.45 4.70 28.23
CA ASN A 426 -0.86 3.37 28.31
C ASN A 426 -1.90 2.26 28.08
N MET A 427 -3.16 2.48 28.43
CA MET A 427 -4.16 1.42 28.19
C MET A 427 -4.40 1.14 26.71
N ASN A 428 -3.92 2.00 25.81
CA ASN A 428 -4.16 1.76 24.39
C ASN A 428 -3.03 0.99 23.72
N PHE A 429 -1.98 0.61 24.45
CA PHE A 429 -0.80 0.01 23.84
C PHE A 429 -0.31 -1.14 24.71
N THR A 430 -0.12 -2.31 24.11
CA THR A 430 0.52 -3.43 24.80
C THR A 430 1.81 -3.77 24.07
N LYS A 431 2.95 -3.57 24.72
CA LYS A 431 4.21 -3.85 24.05
C LYS A 431 4.38 -5.35 23.93
N LEU A 432 4.62 -5.82 22.72
CA LEU A 432 4.80 -7.23 22.42
C LEU A 432 6.24 -7.64 22.19
N LYS A 433 7.08 -6.74 21.67
CA LYS A 433 8.46 -7.13 21.48
C LYS A 433 9.30 -5.87 21.45
N ASN A 434 10.49 -5.96 22.02
CA ASN A 434 11.46 -4.88 21.95
C ASN A 434 12.47 -5.20 20.86
N PHE A 435 12.85 -4.19 20.07
CA PHE A 435 13.88 -4.36 19.07
C PHE A 435 15.18 -3.66 19.40
N THR A 436 15.18 -2.72 20.33
CA THR A 436 16.43 -2.03 20.65
C THR A 436 17.45 -3.00 21.21
N GLY A 437 18.67 -2.95 20.68
CA GLY A 437 19.74 -3.83 21.08
C GLY A 437 19.90 -5.05 20.19
N LEU A 438 18.83 -5.54 19.59
CA LEU A 438 18.93 -6.66 18.67
C LEU A 438 19.71 -6.25 17.43
ZN ZN B . 7.90 1.22 2.29
C02 UZY C . 7.37 -1.27 3.38
C05 UZY C . 7.03 -2.77 3.30
C06 UZY C . 7.33 -3.27 1.87
C07 UZY C . 6.30 -2.68 0.88
C08 UZY C . 6.38 -3.25 -0.53
C09 UZY C . 5.64 -2.38 -1.54
N03 UZY C . 8.44 -0.89 4.23
O01 UZY C . 6.82 -0.43 2.76
O04 UZY C . 8.80 0.49 4.25
S10 UZY C . 3.96 -2.03 -0.97
#